data_8C1D
#
_entry.id   8C1D
#
_cell.length_a   81.341
_cell.length_b   81.341
_cell.length_c   171.531
_cell.angle_alpha   90.000
_cell.angle_beta   90.000
_cell.angle_gamma   120.000
#
_symmetry.space_group_name_H-M   'P 61 2 2'
#
loop_
_entity.id
_entity.type
_entity.pdbx_description
1 polymer 'Aurora kinase A'
2 non-polymer '4-(4-chlorophenyl)-7-methyl-1~{H}-indole-6-carboxylic acid'
3 non-polymer "ADENOSINE-5'-DIPHOSPHATE"
4 non-polymer 'MAGNESIUM ION'
5 non-polymer '(1~{R},2~{R})-cyclohexane-1,2-dicarboxylic acid'
6 non-polymer 'SULFATE ION'
7 non-polymer 'DIMETHYL SULFOXIDE'
8 non-polymer 'ACETATE ION'
9 water water
#
_entity_poly.entity_id   1
_entity_poly.type   'polypeptide(L)'
_entity_poly.pdbx_seq_one_letter_code
;MGRQWALEDFEIGRPLGKGKFGNVYLAREKQSKFILALKVLFKAQLEKAGVEHQLRREVEIQSHLRHPNILRLYGYFHDA
TRVYLILEYAPLGTVYRELQKLSKFDEQRTATYITELANALSYCHSKRVIHRDIKPENLLLGSAGELKIADFGWSVHAPS
SRRTTLAGTLDYLPPEMIEGRMHDEKVDLWSLGVLCYEFLVGKPPFEANTYQETYKRISRVEFTFPDFVTEGARDLISRL
LKHNPSQRPMLREVLEHPWITANSS
;
_entity_poly.pdbx_strand_id   A
#
loop_
_chem_comp.id
_chem_comp.type
_chem_comp.name
_chem_comp.formula
ACT non-polymer 'ACETATE ION' 'C2 H3 O2 -1'
ADP non-polymer ADENOSINE-5'-DIPHOSPHATE 'C10 H15 N5 O10 P2'
DMS non-polymer 'DIMETHYL SULFOXIDE' 'C2 H6 O S'
MG non-polymer 'MAGNESIUM ION' 'Mg 2'
SO4 non-polymer 'SULFATE ION' 'O4 S -2'
T2F non-polymer '4-(4-chlorophenyl)-7-methyl-1~{H}-indole-6-carboxylic acid' 'C16 H12 Cl N O2'
T5L non-polymer '(1~{R},2~{R})-cyclohexane-1,2-dicarboxylic acid' 'C8 H12 O4'
#
# COMPACT_ATOMS: atom_id res chain seq x y z
N GLN A 4 24.90 11.20 7.57
CA GLN A 4 24.02 12.25 8.07
C GLN A 4 23.73 13.29 6.99
N TRP A 5 22.44 13.61 6.81
CA TRP A 5 21.96 14.55 5.82
C TRP A 5 21.30 15.74 6.47
N ALA A 6 21.29 16.84 5.76
CA ALA A 6 20.64 18.07 6.17
C ALA A 6 19.82 18.54 4.96
N LEU A 7 18.84 19.44 5.19
CA LEU A 7 17.97 19.99 4.15
C LEU A 7 18.78 20.75 3.09
N GLU A 8 19.89 21.39 3.52
CA GLU A 8 20.84 22.15 2.70
C GLU A 8 21.48 21.29 1.58
N ASP A 9 21.40 19.97 1.69
CA ASP A 9 22.00 19.08 0.70
C ASP A 9 21.08 18.83 -0.51
N PHE A 10 19.83 19.34 -0.48
CA PHE A 10 18.83 19.07 -1.52
C PHE A 10 18.17 20.32 -2.09
N GLU A 11 17.99 20.31 -3.42
CA GLU A 11 17.20 21.34 -4.09
C GLU A 11 15.79 20.76 -4.14
N ILE A 12 14.81 21.52 -3.67
CA ILE A 12 13.42 21.08 -3.60
C ILE A 12 12.68 21.51 -4.88
N GLY A 13 11.80 20.62 -5.34
CA GLY A 13 11.01 20.82 -6.54
C GLY A 13 9.55 20.85 -6.19
N ARG A 14 8.72 20.45 -7.15
CA ARG A 14 7.28 20.48 -6.96
C ARG A 14 6.76 19.43 -5.97
N PRO A 15 5.59 19.68 -5.34
CA PRO A 15 4.98 18.64 -4.52
C PRO A 15 4.59 17.45 -5.40
N LEU A 16 4.81 16.24 -4.89
CA LEU A 16 4.46 15.01 -5.59
C LEU A 16 3.13 14.48 -5.06
N GLY A 17 2.78 14.89 -3.84
CA GLY A 17 1.54 14.44 -3.22
C GLY A 17 1.42 14.85 -1.77
N LYS A 18 0.18 14.84 -1.31
CA LYS A 18 -0.18 15.21 0.05
C LYS A 18 -0.25 14.01 1.00
N GLY A 19 0.35 14.23 2.18
CA GLY A 19 0.37 13.27 3.27
C GLY A 19 -0.53 13.72 4.40
N LYS A 20 -0.72 12.80 5.37
CA LYS A 20 -1.51 12.99 6.57
C LYS A 20 -0.76 13.91 7.54
N PHE A 21 0.59 13.77 7.60
CA PHE A 21 1.44 14.55 8.49
C PHE A 21 2.40 15.52 7.79
N GLY A 22 2.16 15.77 6.51
CA GLY A 22 2.93 16.73 5.72
C GLY A 22 2.75 16.52 4.23
N ASN A 23 3.83 16.68 3.46
CA ASN A 23 3.83 16.55 2.01
C ASN A 23 5.08 15.87 1.50
N VAL A 24 4.98 15.28 0.30
CA VAL A 24 6.09 14.64 -0.37
C VAL A 24 6.49 15.57 -1.51
N TYR A 25 7.78 15.83 -1.63
CA TYR A 25 8.29 16.71 -2.66
C TYR A 25 9.28 16.00 -3.52
N LEU A 26 9.40 16.43 -4.78
CA LEU A 26 10.46 15.98 -5.66
C LEU A 26 11.74 16.72 -5.19
N ALA A 27 12.88 16.07 -5.21
CA ALA A 27 14.10 16.74 -4.77
C ALA A 27 15.31 16.23 -5.51
N ARG A 28 16.41 16.99 -5.49
CA ARG A 28 17.66 16.56 -6.11
C ARG A 28 18.79 16.74 -5.11
N GLU A 29 19.60 15.70 -4.89
CA GLU A 29 20.76 15.80 -4.02
C GLU A 29 21.86 16.56 -4.80
N LYS A 30 22.28 17.70 -4.26
CA LYS A 30 23.24 18.64 -4.86
C LYS A 30 24.57 18.08 -5.39
N GLN A 31 25.29 17.27 -4.61
CA GLN A 31 26.58 16.75 -5.07
C GLN A 31 26.48 15.71 -6.20
N SER A 32 25.54 14.75 -6.09
CA SER A 32 25.40 13.64 -7.04
C SER A 32 24.43 13.89 -8.19
N LYS A 33 23.50 14.82 -7.97
CA LYS A 33 22.39 15.16 -8.87
C LYS A 33 21.29 14.07 -8.81
N PHE A 34 21.32 13.24 -7.74
CA PHE A 34 20.37 12.16 -7.53
C PHE A 34 18.96 12.67 -7.30
N ILE A 35 18.02 12.35 -8.23
CA ILE A 35 16.61 12.74 -8.10
C ILE A 35 15.97 11.72 -7.15
N LEU A 36 15.17 12.22 -6.22
CA LEU A 36 14.55 11.41 -5.17
C LEU A 36 13.30 12.11 -4.68
N ALA A 37 12.60 11.49 -3.71
CA ALA A 37 11.41 12.12 -3.15
C ALA A 37 11.70 12.32 -1.64
N LEU A 38 11.28 13.47 -1.13
CA LEU A 38 11.43 13.85 0.26
C LEU A 38 10.07 13.91 0.92
N LYS A 39 9.77 12.94 1.79
CA LYS A 39 8.51 12.86 2.56
C LYS A 39 8.74 13.67 3.86
N VAL A 40 8.15 14.88 3.90
CA VAL A 40 8.32 15.84 4.98
C VAL A 40 7.15 15.75 5.94
N LEU A 41 7.46 15.45 7.21
CA LEU A 41 6.50 15.28 8.30
C LEU A 41 6.73 16.34 9.39
N PHE A 42 5.64 16.95 9.91
CA PHE A 42 5.73 17.97 10.97
C PHE A 42 5.79 17.36 12.35
N LYS A 43 6.82 17.73 13.14
CA LYS A 43 7.03 17.21 14.49
C LYS A 43 5.82 17.41 15.40
N ALA A 44 5.24 18.61 15.40
CA ALA A 44 4.07 18.97 16.22
C ALA A 44 2.88 18.04 16.01
N GLN A 45 2.52 17.76 14.73
CA GLN A 45 1.40 16.89 14.34
C GLN A 45 1.65 15.43 14.71
N LEU A 46 2.89 14.94 14.54
CA LEU A 46 3.26 13.56 14.90
C LEU A 46 3.15 13.39 16.44
N GLU A 47 3.66 14.37 17.20
CA GLU A 47 3.62 14.44 18.67
C GLU A 47 2.14 14.50 19.14
N LYS A 48 1.34 15.40 18.52
CA LYS A 48 -0.09 15.57 18.82
C LYS A 48 -0.86 14.24 18.70
N ALA A 49 -0.58 13.46 17.63
CA ALA A 49 -1.21 12.17 17.35
C ALA A 49 -0.55 11.03 18.12
N GLY A 50 0.62 11.28 18.68
CA GLY A 50 1.38 10.27 19.42
C GLY A 50 1.80 9.10 18.55
N VAL A 51 2.22 9.42 17.30
CA VAL A 51 2.63 8.44 16.29
C VAL A 51 4.16 8.43 16.02
N GLU A 52 4.94 9.14 16.85
CA GLU A 52 6.40 9.26 16.75
C GLU A 52 7.08 7.86 16.79
N HIS A 53 6.60 6.92 17.65
N HIS A 53 6.63 6.90 17.65
CA HIS A 53 7.14 5.56 17.75
CA HIS A 53 7.23 5.55 17.69
C HIS A 53 6.97 4.83 16.40
C HIS A 53 7.00 4.85 16.35
N GLN A 54 5.74 4.94 15.83
CA GLN A 54 5.25 4.36 14.58
C GLN A 54 6.01 4.89 13.36
N LEU A 55 6.43 6.19 13.39
CA LEU A 55 7.25 6.78 12.34
C LEU A 55 8.64 6.13 12.34
N ARG A 56 9.23 5.85 13.54
CA ARG A 56 10.54 5.16 13.62
C ARG A 56 10.42 3.77 13.01
N ARG A 57 9.27 3.11 13.25
CA ARG A 57 8.96 1.77 12.72
C ARG A 57 8.83 1.77 11.16
N GLU A 58 8.18 2.80 10.58
CA GLU A 58 8.03 2.98 9.11
C GLU A 58 9.44 2.99 8.49
N VAL A 59 10.34 3.80 9.07
CA VAL A 59 11.75 3.92 8.69
C VAL A 59 12.50 2.60 8.87
N GLU A 60 12.51 2.05 10.10
CA GLU A 60 13.20 0.80 10.42
C GLU A 60 12.77 -0.34 9.50
N ILE A 61 11.44 -0.56 9.32
CA ILE A 61 10.96 -1.62 8.45
C ILE A 61 11.35 -1.42 6.96
N GLN A 62 10.97 -0.26 6.37
CA GLN A 62 11.20 0.05 4.96
C GLN A 62 12.69 0.12 4.57
N SER A 63 13.56 0.68 5.42
CA SER A 63 15.01 0.77 5.13
C SER A 63 15.68 -0.58 4.91
N HIS A 64 15.16 -1.65 5.56
CA HIS A 64 15.69 -2.99 5.47
C HIS A 64 15.07 -3.84 4.36
N LEU A 65 14.13 -3.28 3.57
CA LEU A 65 13.53 -4.05 2.47
C LEU A 65 14.24 -3.74 1.15
N ARG A 66 14.54 -4.80 0.36
CA ARG A 66 15.18 -4.71 -0.95
C ARG A 66 14.43 -5.64 -1.86
N HIS A 67 13.62 -5.04 -2.73
CA HIS A 67 12.82 -5.78 -3.69
C HIS A 67 12.47 -4.83 -4.80
N PRO A 68 12.56 -5.27 -6.07
CA PRO A 68 12.24 -4.36 -7.19
C PRO A 68 10.82 -3.77 -7.16
N ASN A 69 9.87 -4.42 -6.46
CA ASN A 69 8.49 -3.98 -6.34
C ASN A 69 8.15 -3.35 -4.99
N ILE A 70 9.17 -2.91 -4.26
CA ILE A 70 8.99 -2.22 -2.99
C ILE A 70 9.77 -0.92 -3.12
N LEU A 71 9.14 0.23 -2.78
CA LEU A 71 9.81 1.51 -2.85
C LEU A 71 10.99 1.62 -1.85
N ARG A 72 12.14 2.13 -2.29
CA ARG A 72 13.28 2.25 -1.42
C ARG A 72 13.22 3.47 -0.48
N LEU A 73 13.67 3.29 0.78
N LEU A 73 13.67 3.29 0.78
CA LEU A 73 13.84 4.36 1.74
CA LEU A 73 13.83 4.36 1.77
C LEU A 73 15.35 4.35 1.99
C LEU A 73 15.34 4.34 1.99
N TYR A 74 16.02 5.41 1.56
CA TYR A 74 17.48 5.56 1.62
C TYR A 74 18.02 6.05 2.95
N GLY A 75 17.21 6.82 3.66
CA GLY A 75 17.62 7.39 4.94
C GLY A 75 16.59 8.36 5.45
N TYR A 76 16.95 9.11 6.47
CA TYR A 76 16.09 10.10 7.07
C TYR A 76 16.98 11.08 7.78
N PHE A 77 16.43 12.23 8.10
CA PHE A 77 17.04 13.28 8.89
C PHE A 77 15.92 14.11 9.46
N HIS A 78 16.24 15.03 10.37
CA HIS A 78 15.25 15.89 11.01
C HIS A 78 15.86 17.17 11.51
N ASP A 79 15.01 18.19 11.63
CA ASP A 79 15.39 19.48 12.16
C ASP A 79 14.47 19.83 13.34
N ALA A 80 14.49 21.09 13.79
CA ALA A 80 13.69 21.55 14.92
C ALA A 80 12.17 21.35 14.73
N THR A 81 11.67 21.39 13.48
CA THR A 81 10.24 21.31 13.21
C THR A 81 9.75 20.13 12.34
N ARG A 82 10.63 19.51 11.55
CA ARG A 82 10.28 18.47 10.59
C ARG A 82 11.15 17.24 10.62
N VAL A 83 10.57 16.10 10.19
CA VAL A 83 11.22 14.80 9.97
C VAL A 83 11.17 14.63 8.43
N TYR A 84 12.28 14.18 7.83
CA TYR A 84 12.42 14.03 6.39
C TYR A 84 12.82 12.62 6.03
N LEU A 85 11.96 11.93 5.28
CA LEU A 85 12.22 10.59 4.78
C LEU A 85 12.70 10.72 3.32
N ILE A 86 13.86 10.12 3.00
CA ILE A 86 14.52 10.12 1.70
C ILE A 86 14.09 8.87 0.96
N LEU A 87 13.19 9.05 -0.01
CA LEU A 87 12.64 7.94 -0.77
C LEU A 87 13.11 7.89 -2.21
N GLU A 88 13.01 6.73 -2.80
CA GLU A 88 13.21 6.51 -4.22
C GLU A 88 12.03 7.26 -4.89
N TYR A 89 12.29 8.02 -5.95
CA TYR A 89 11.25 8.72 -6.66
C TYR A 89 10.60 7.75 -7.63
N ALA A 90 9.27 7.67 -7.62
CA ALA A 90 8.52 6.80 -8.53
C ALA A 90 7.99 7.72 -9.65
N PRO A 91 8.64 7.74 -10.86
CA PRO A 91 8.26 8.75 -11.88
C PRO A 91 6.89 8.65 -12.53
N LEU A 92 6.22 7.51 -12.49
CA LEU A 92 4.91 7.43 -13.17
C LEU A 92 3.73 7.58 -12.23
N GLY A 93 3.98 8.08 -11.02
CA GLY A 93 2.94 8.34 -10.04
C GLY A 93 2.23 7.16 -9.40
N THR A 94 1.01 7.37 -8.95
CA THR A 94 0.22 6.33 -8.24
C THR A 94 -0.67 5.48 -9.13
N VAL A 95 -1.00 4.30 -8.66
CA VAL A 95 -1.98 3.45 -9.32
C VAL A 95 -3.38 4.15 -9.22
N TYR A 96 -3.58 4.90 -8.12
CA TYR A 96 -4.76 5.68 -7.84
C TYR A 96 -5.12 6.62 -9.00
N ARG A 97 -4.14 7.45 -9.43
CA ARG A 97 -4.26 8.40 -10.55
C ARG A 97 -4.53 7.64 -11.86
N GLU A 98 -3.84 6.49 -12.12
CA GLU A 98 -4.08 5.69 -13.34
C GLU A 98 -5.51 5.15 -13.38
N LEU A 99 -6.04 4.77 -12.21
CA LEU A 99 -7.39 4.24 -12.10
C LEU A 99 -8.44 5.31 -12.34
N GLN A 100 -8.18 6.53 -11.88
CA GLN A 100 -9.06 7.68 -12.04
C GLN A 100 -9.23 8.06 -13.53
N LYS A 101 -8.13 8.00 -14.32
CA LYS A 101 -8.20 8.36 -15.74
C LYS A 101 -8.68 7.21 -16.65
N LEU A 102 -8.35 5.97 -16.30
CA LEU A 102 -8.73 4.81 -17.10
C LEU A 102 -10.10 4.24 -16.67
N SER A 103 -10.64 4.68 -15.50
CA SER A 103 -11.88 4.21 -14.84
C SER A 103 -11.74 2.79 -14.27
N LYS A 104 -11.22 1.84 -15.06
CA LYS A 104 -10.99 0.44 -14.70
C LYS A 104 -9.81 -0.03 -15.54
N PHE A 105 -9.19 -1.14 -15.13
CA PHE A 105 -8.08 -1.78 -15.85
C PHE A 105 -8.62 -3.06 -16.49
N ASP A 106 -7.95 -3.53 -17.57
CA ASP A 106 -8.34 -4.76 -18.23
C ASP A 106 -7.78 -5.91 -17.37
N GLU A 107 -8.10 -7.14 -17.71
CA GLU A 107 -7.66 -8.30 -16.95
C GLU A 107 -6.17 -8.51 -16.95
N GLN A 108 -5.53 -8.16 -18.07
CA GLN A 108 -4.09 -8.31 -18.25
C GLN A 108 -3.33 -7.34 -17.35
N ARG A 109 -3.72 -6.06 -17.34
CA ARG A 109 -3.11 -5.04 -16.50
C ARG A 109 -3.35 -5.37 -15.00
N THR A 110 -4.59 -5.80 -14.65
CA THR A 110 -4.93 -6.17 -13.29
C THR A 110 -4.08 -7.32 -12.80
N ALA A 111 -4.03 -8.42 -13.59
CA ALA A 111 -3.27 -9.60 -13.21
C ALA A 111 -1.79 -9.34 -13.03
N THR A 112 -1.20 -8.44 -13.85
CA THR A 112 0.21 -8.05 -13.76
C THR A 112 0.46 -7.34 -12.44
N TYR A 113 -0.37 -6.32 -12.13
CA TYR A 113 -0.31 -5.57 -10.86
C TYR A 113 -0.43 -6.53 -9.66
N ILE A 114 -1.38 -7.48 -9.71
CA ILE A 114 -1.61 -8.48 -8.66
C ILE A 114 -0.36 -9.34 -8.47
N THR A 115 0.31 -9.75 -9.58
CA THR A 115 1.57 -10.52 -9.53
C THR A 115 2.69 -9.72 -8.82
N GLU A 116 2.94 -8.49 -9.27
CA GLU A 116 3.95 -7.59 -8.67
C GLU A 116 3.73 -7.38 -7.15
N LEU A 117 2.46 -7.18 -6.77
CA LEU A 117 2.01 -7.02 -5.39
C LEU A 117 2.26 -8.30 -4.61
N ALA A 118 1.80 -9.45 -5.15
CA ALA A 118 1.99 -10.77 -4.54
C ALA A 118 3.48 -11.07 -4.30
N ASN A 119 4.36 -10.74 -5.26
CA ASN A 119 5.81 -10.94 -5.10
C ASN A 119 6.37 -10.05 -3.99
N ALA A 120 6.04 -8.75 -4.01
CA ALA A 120 6.48 -7.83 -2.98
C ALA A 120 5.95 -8.25 -1.60
N LEU A 121 4.69 -8.68 -1.53
CA LEU A 121 4.08 -9.12 -0.28
C LEU A 121 4.71 -10.42 0.23
N SER A 122 5.03 -11.36 -0.67
CA SER A 122 5.67 -12.64 -0.30
C SER A 122 7.02 -12.37 0.40
N TYR A 123 7.80 -11.43 -0.19
CA TYR A 123 9.07 -10.99 0.34
C TYR A 123 8.85 -10.32 1.72
N CYS A 124 7.81 -9.49 1.84
CA CYS A 124 7.48 -8.79 3.08
C CYS A 124 7.15 -9.74 4.20
N HIS A 125 6.23 -10.69 3.94
CA HIS A 125 5.75 -11.68 4.89
C HIS A 125 6.85 -12.66 5.30
N SER A 126 7.89 -12.83 4.43
CA SER A 126 9.06 -13.68 4.71
C SER A 126 9.82 -13.15 5.93
N LYS A 127 9.74 -11.82 6.16
CA LYS A 127 10.34 -11.09 7.28
C LYS A 127 9.29 -10.81 8.34
N ARG A 128 8.08 -11.41 8.17
CA ARG A 128 6.93 -11.23 9.07
C ARG A 128 6.54 -9.75 9.15
N VAL A 129 6.66 -9.02 8.03
CA VAL A 129 6.27 -7.61 7.95
C VAL A 129 4.87 -7.55 7.35
N ILE A 130 3.95 -6.88 8.06
CA ILE A 130 2.60 -6.61 7.57
C ILE A 130 2.59 -5.16 7.13
N HIS A 131 2.17 -4.88 5.89
CA HIS A 131 2.08 -3.49 5.40
C HIS A 131 0.88 -2.76 6.07
N ARG A 132 -0.31 -3.40 6.02
CA ARG A 132 -1.61 -2.97 6.58
C ARG A 132 -2.27 -1.73 5.90
N ASP A 133 -1.62 -1.12 4.90
CA ASP A 133 -2.18 0.05 4.25
C ASP A 133 -2.05 -0.05 2.72
N ILE A 134 -2.28 -1.25 2.19
CA ILE A 134 -2.23 -1.55 0.76
C ILE A 134 -3.49 -0.95 0.12
N LYS A 135 -3.30 0.12 -0.68
CA LYS A 135 -4.39 0.82 -1.35
C LYS A 135 -3.84 1.55 -2.57
N PRO A 136 -4.67 1.92 -3.57
CA PRO A 136 -4.11 2.53 -4.80
C PRO A 136 -3.21 3.75 -4.61
N GLU A 137 -3.51 4.65 -3.65
CA GLU A 137 -2.69 5.84 -3.45
C GLU A 137 -1.29 5.52 -2.89
N ASN A 138 -1.13 4.29 -2.37
CA ASN A 138 0.16 3.82 -1.80
C ASN A 138 0.93 2.88 -2.71
N LEU A 139 0.45 2.71 -3.96
CA LEU A 139 1.05 1.87 -4.96
C LEU A 139 1.56 2.79 -6.04
N LEU A 140 2.90 2.88 -6.14
CA LEU A 140 3.57 3.80 -7.05
C LEU A 140 4.09 3.09 -8.32
N LEU A 141 4.43 3.86 -9.35
CA LEU A 141 4.88 3.30 -10.62
C LEU A 141 6.26 3.72 -11.00
N GLY A 142 7.12 2.73 -11.27
CA GLY A 142 8.49 2.98 -11.68
C GLY A 142 8.60 3.44 -13.12
N SER A 143 9.83 3.70 -13.59
CA SER A 143 10.05 4.18 -14.98
C SER A 143 9.54 3.23 -16.09
N ALA A 144 9.49 1.90 -15.80
CA ALA A 144 8.99 0.91 -16.76
C ALA A 144 7.51 0.55 -16.49
N GLY A 145 6.85 1.31 -15.63
CA GLY A 145 5.47 1.09 -15.25
C GLY A 145 5.25 -0.02 -14.26
N GLU A 146 6.34 -0.49 -13.61
CA GLU A 146 6.25 -1.56 -12.62
C GLU A 146 5.72 -1.03 -11.27
N LEU A 147 4.85 -1.81 -10.64
CA LEU A 147 4.23 -1.45 -9.38
C LEU A 147 5.26 -1.51 -8.26
N LYS A 148 5.22 -0.51 -7.34
CA LYS A 148 6.07 -0.42 -6.15
C LYS A 148 5.22 -0.08 -4.92
N ILE A 149 5.22 -0.99 -3.95
CA ILE A 149 4.56 -0.83 -2.67
C ILE A 149 5.28 0.28 -1.90
N ALA A 150 4.51 1.27 -1.52
CA ALA A 150 5.05 2.40 -0.82
C ALA A 150 4.22 2.66 0.43
N ASP A 151 4.60 3.68 1.19
CA ASP A 151 3.93 4.12 2.40
C ASP A 151 3.79 3.02 3.47
N PHE A 152 4.89 2.82 4.22
CA PHE A 152 5.01 1.86 5.30
C PHE A 152 4.66 2.51 6.65
N GLY A 153 3.90 3.60 6.60
CA GLY A 153 3.48 4.34 7.78
C GLY A 153 2.75 3.54 8.85
N TRP A 154 1.96 2.53 8.44
CA TRP A 154 1.19 1.66 9.33
C TRP A 154 1.73 0.23 9.41
N SER A 155 2.93 0.04 8.88
CA SER A 155 3.63 -1.23 8.83
C SER A 155 4.02 -1.69 10.27
N VAL A 156 3.92 -3.01 10.52
CA VAL A 156 4.26 -3.66 11.80
C VAL A 156 4.81 -5.05 11.52
N HIS A 157 5.34 -5.72 12.55
CA HIS A 157 5.77 -7.10 12.45
C HIS A 157 4.62 -7.97 12.97
N ALA A 158 4.34 -9.08 12.29
CA ALA A 158 3.28 -10.03 12.59
C ALA A 158 3.68 -11.00 13.73
N PRO A 159 2.76 -11.30 14.68
CA PRO A 159 1.39 -10.77 14.79
C PRO A 159 1.32 -9.48 15.59
N SER A 160 0.28 -8.68 15.35
CA SER A 160 0.10 -7.43 16.04
C SER A 160 -1.32 -7.35 16.56
N SER A 161 -1.52 -6.59 17.64
CA SER A 161 -2.83 -6.35 18.25
C SER A 161 -3.10 -4.83 18.21
N ARG A 162 -2.07 -4.07 17.76
CA ARG A 162 -2.05 -2.61 17.63
C ARG A 162 -3.16 -2.03 16.78
N ARG A 163 -3.96 -1.13 17.39
CA ARG A 163 -5.06 -0.42 16.75
C ARG A 163 -4.52 0.75 15.88
N THR A 164 -5.40 1.48 15.18
CA THR A 164 -5.02 2.63 14.32
C THR A 164 -6.11 3.69 14.32
N GLY A 168 -9.59 5.20 8.80
CA GLY A 168 -10.56 5.58 7.77
C GLY A 168 -9.98 6.26 6.54
N THR A 169 -10.54 6.02 5.29
CA THR A 169 -11.69 5.12 5.02
C THR A 169 -11.34 3.68 5.35
N LEU A 170 -12.36 2.86 5.67
CA LEU A 170 -12.13 1.47 6.00
C LEU A 170 -11.98 0.55 4.79
N ASP A 171 -12.21 1.07 3.56
CA ASP A 171 -12.29 0.32 2.28
C ASP A 171 -11.32 -0.84 2.10
N TYR A 172 -10.05 -0.71 2.58
CA TYR A 172 -9.06 -1.79 2.37
C TYR A 172 -8.79 -2.63 3.60
N LEU A 173 -9.45 -2.31 4.71
CA LEU A 173 -9.16 -3.01 5.97
C LEU A 173 -9.98 -4.27 6.20
N PRO A 174 -9.32 -5.38 6.61
CA PRO A 174 -10.04 -6.64 6.87
C PRO A 174 -10.88 -6.59 8.17
N PRO A 175 -11.89 -7.49 8.33
CA PRO A 175 -12.72 -7.46 9.57
C PRO A 175 -11.97 -7.48 10.89
N GLU A 176 -10.92 -8.31 11.00
CA GLU A 176 -10.10 -8.42 12.22
C GLU A 176 -9.41 -7.09 12.61
N MET A 177 -9.05 -6.26 11.60
CA MET A 177 -8.43 -4.97 11.86
C MET A 177 -9.49 -3.95 12.24
N ILE A 178 -10.66 -4.04 11.60
CA ILE A 178 -11.86 -3.20 11.77
C ILE A 178 -12.46 -3.36 13.19
N GLU A 179 -12.40 -4.59 13.75
CA GLU A 179 -12.91 -4.92 15.08
C GLU A 179 -11.86 -4.79 16.20
N GLY A 180 -10.66 -4.31 15.87
CA GLY A 180 -9.58 -4.13 16.85
C GLY A 180 -8.98 -5.41 17.38
N ARG A 181 -9.21 -6.53 16.66
CA ARG A 181 -8.71 -7.86 17.00
C ARG A 181 -7.26 -8.07 16.56
N MET A 182 -6.62 -9.15 17.07
CA MET A 182 -5.27 -9.53 16.71
C MET A 182 -5.27 -9.90 15.24
N HIS A 183 -4.17 -9.58 14.55
CA HIS A 183 -4.08 -9.83 13.11
C HIS A 183 -2.65 -10.20 12.68
N ASP A 184 -2.53 -10.83 11.51
CA ASP A 184 -1.24 -11.25 10.97
C ASP A 184 -1.11 -10.86 9.48
N GLU A 185 -0.27 -11.58 8.73
CA GLU A 185 0.02 -11.36 7.32
C GLU A 185 -1.22 -11.51 6.44
N LYS A 186 -2.26 -12.19 6.96
CA LYS A 186 -3.50 -12.42 6.23
C LYS A 186 -4.25 -11.14 5.94
N VAL A 187 -3.91 -10.06 6.65
CA VAL A 187 -4.52 -8.76 6.41
C VAL A 187 -4.20 -8.27 5.00
N ASP A 188 -2.96 -8.52 4.52
CA ASP A 188 -2.55 -8.05 3.20
C ASP A 188 -3.17 -8.89 2.09
N LEU A 189 -3.50 -10.17 2.39
CA LEU A 189 -4.19 -11.03 1.41
C LEU A 189 -5.62 -10.50 1.18
N TRP A 190 -6.27 -10.00 2.26
CA TRP A 190 -7.60 -9.39 2.17
C TRP A 190 -7.53 -8.12 1.29
N SER A 191 -6.55 -7.23 1.57
CA SER A 191 -6.35 -5.98 0.81
C SER A 191 -6.06 -6.26 -0.65
N LEU A 192 -5.39 -7.39 -0.94
CA LEU A 192 -5.13 -7.85 -2.32
C LEU A 192 -6.43 -8.12 -3.07
N GLY A 193 -7.38 -8.79 -2.40
CA GLY A 193 -8.69 -9.07 -2.99
C GLY A 193 -9.48 -7.82 -3.24
N VAL A 194 -9.38 -6.87 -2.29
CA VAL A 194 -10.05 -5.57 -2.43
C VAL A 194 -9.50 -4.83 -3.66
N LEU A 195 -8.17 -4.86 -3.83
CA LEU A 195 -7.46 -4.22 -4.96
C LEU A 195 -7.81 -4.87 -6.28
N CYS A 196 -7.80 -6.23 -6.32
CA CYS A 196 -8.14 -6.92 -7.55
C CYS A 196 -9.54 -6.53 -8.01
N TYR A 197 -10.51 -6.50 -7.09
CA TYR A 197 -11.89 -6.10 -7.40
C TYR A 197 -11.91 -4.67 -7.92
N GLU A 198 -11.30 -3.73 -7.16
CA GLU A 198 -11.28 -2.30 -7.54
C GLU A 198 -10.60 -2.05 -8.89
N PHE A 199 -9.50 -2.76 -9.21
CA PHE A 199 -8.83 -2.63 -10.53
C PHE A 199 -9.77 -3.03 -11.68
N LEU A 200 -10.58 -4.09 -11.49
CA LEU A 200 -11.52 -4.52 -12.53
C LEU A 200 -12.84 -3.72 -12.56
N VAL A 201 -13.34 -3.31 -11.40
CA VAL A 201 -14.65 -2.67 -11.32
C VAL A 201 -14.58 -1.14 -11.34
N GLY A 202 -13.53 -0.58 -10.80
CA GLY A 202 -13.38 0.87 -10.74
C GLY A 202 -13.69 1.47 -9.39
N LYS A 203 -14.12 0.62 -8.44
CA LYS A 203 -14.43 1.00 -7.06
C LYS A 203 -14.29 -0.21 -6.16
N PRO A 204 -13.89 0.01 -4.88
CA PRO A 204 -13.70 -1.14 -3.98
C PRO A 204 -15.02 -1.85 -3.60
N PRO A 205 -14.98 -3.17 -3.27
CA PRO A 205 -16.23 -3.93 -3.06
C PRO A 205 -17.14 -3.53 -1.89
N PHE A 206 -16.59 -2.80 -0.90
CA PHE A 206 -17.38 -2.41 0.26
C PHE A 206 -17.62 -0.93 0.33
N GLU A 207 -17.39 -0.24 -0.78
CA GLU A 207 -17.58 1.20 -0.82
C GLU A 207 -19.00 1.62 -0.41
N ALA A 208 -19.09 2.79 0.28
CA ALA A 208 -20.33 3.36 0.81
C ALA A 208 -20.19 4.84 1.10
N ASN A 209 -21.32 5.47 1.40
CA ASN A 209 -21.42 6.90 1.63
C ASN A 209 -20.93 7.23 3.01
N THR A 210 -20.86 6.25 3.90
CA THR A 210 -20.51 6.46 5.29
C THR A 210 -19.63 5.37 5.74
N TYR A 211 -18.86 5.67 6.80
CA TYR A 211 -17.95 4.76 7.47
C TYR A 211 -18.76 3.62 8.08
N GLN A 212 -19.93 3.98 8.64
CA GLN A 212 -20.81 3.02 9.32
C GLN A 212 -21.29 1.94 8.37
N GLU A 213 -21.83 2.33 7.24
CA GLU A 213 -22.25 1.41 6.18
C GLU A 213 -21.07 0.50 5.66
N THR A 214 -19.86 1.10 5.41
CA THR A 214 -18.67 0.35 4.95
C THR A 214 -18.29 -0.71 5.96
N TYR A 215 -18.31 -0.34 7.26
CA TYR A 215 -17.99 -1.23 8.36
C TYR A 215 -18.86 -2.50 8.34
N LYS A 216 -20.16 -2.30 8.18
CA LYS A 216 -21.15 -3.40 8.16
C LYS A 216 -20.90 -4.34 6.98
N ARG A 217 -20.61 -3.76 5.82
CA ARG A 217 -20.30 -4.52 4.61
C ARG A 217 -19.08 -5.38 4.72
N ILE A 218 -18.02 -4.88 5.35
CA ILE A 218 -16.76 -5.62 5.57
C ILE A 218 -17.00 -6.75 6.56
N SER A 219 -17.68 -6.43 7.67
CA SER A 219 -18.01 -7.38 8.73
C SER A 219 -18.87 -8.56 8.18
N ARG A 220 -19.82 -8.23 7.30
CA ARG A 220 -20.69 -9.25 6.69
C ARG A 220 -20.06 -9.91 5.47
N VAL A 221 -18.94 -9.34 4.94
CA VAL A 221 -18.30 -9.70 3.66
C VAL A 221 -19.40 -9.60 2.58
N GLU A 222 -20.15 -8.50 2.63
CA GLU A 222 -21.30 -8.23 1.77
C GLU A 222 -20.91 -7.40 0.54
N PHE A 223 -20.73 -8.10 -0.61
CA PHE A 223 -20.38 -7.52 -1.90
C PHE A 223 -20.91 -8.37 -3.08
N THR A 224 -21.13 -7.71 -4.22
CA THR A 224 -21.58 -8.37 -5.45
C THR A 224 -20.69 -7.94 -6.62
N PHE A 225 -20.59 -8.78 -7.65
CA PHE A 225 -19.81 -8.47 -8.84
C PHE A 225 -20.69 -7.96 -9.98
N PRO A 226 -20.25 -6.90 -10.70
CA PRO A 226 -20.97 -6.53 -11.95
C PRO A 226 -20.85 -7.68 -12.98
N ASP A 227 -21.78 -7.74 -13.95
CA ASP A 227 -21.84 -8.86 -14.91
C ASP A 227 -20.53 -9.08 -15.74
N PHE A 228 -19.82 -8.01 -16.09
CA PHE A 228 -18.58 -8.09 -16.86
C PHE A 228 -17.41 -8.79 -16.16
N VAL A 229 -17.48 -8.98 -14.83
CA VAL A 229 -16.40 -9.66 -14.10
C VAL A 229 -16.43 -11.15 -14.44
N THR A 230 -15.32 -11.64 -15.00
CA THR A 230 -15.18 -13.03 -15.44
C THR A 230 -15.16 -14.00 -14.28
N GLU A 231 -15.41 -15.30 -14.57
CA GLU A 231 -15.46 -16.40 -13.61
C GLU A 231 -14.13 -16.57 -12.86
N GLY A 232 -13.01 -16.45 -13.59
CA GLY A 232 -11.66 -16.56 -13.03
C GLY A 232 -11.33 -15.42 -12.07
N ALA A 233 -11.79 -14.20 -12.41
CA ALA A 233 -11.56 -13.03 -11.56
C ALA A 233 -12.44 -13.18 -10.29
N ARG A 234 -13.70 -13.59 -10.47
CA ARG A 234 -14.65 -13.84 -9.36
C ARG A 234 -14.12 -14.89 -8.40
N ASP A 235 -13.50 -15.96 -8.92
CA ASP A 235 -12.95 -17.01 -8.11
C ASP A 235 -11.84 -16.52 -7.18
N LEU A 236 -10.77 -15.91 -7.74
CA LEU A 236 -9.66 -15.36 -6.95
C LEU A 236 -10.14 -14.31 -5.90
N ILE A 237 -10.99 -13.34 -6.30
CA ILE A 237 -11.49 -12.31 -5.38
C ILE A 237 -12.23 -12.95 -4.19
N SER A 238 -13.18 -13.86 -4.49
CA SER A 238 -13.98 -14.61 -3.51
C SER A 238 -13.12 -15.44 -2.55
N ARG A 239 -12.01 -15.97 -3.03
CA ARG A 239 -11.06 -16.73 -2.23
C ARG A 239 -10.31 -15.81 -1.28
N LEU A 240 -9.98 -14.59 -1.75
CA LEU A 240 -9.20 -13.63 -0.96
C LEU A 240 -10.02 -12.93 0.07
N LEU A 241 -11.29 -12.68 -0.23
CA LEU A 241 -12.14 -11.97 0.71
C LEU A 241 -12.91 -12.91 1.64
N LYS A 242 -12.19 -13.60 2.51
CA LYS A 242 -12.79 -14.54 3.47
C LYS A 242 -12.73 -13.92 4.82
N HIS A 243 -13.89 -13.90 5.54
CA HIS A 243 -13.96 -13.33 6.89
C HIS A 243 -12.88 -13.94 7.74
N ASN A 244 -12.74 -15.27 7.65
CA ASN A 244 -11.75 -16.05 8.37
C ASN A 244 -10.37 -15.92 7.73
N PRO A 245 -9.41 -15.25 8.43
CA PRO A 245 -8.06 -15.07 7.88
C PRO A 245 -7.36 -16.37 7.48
N SER A 246 -7.63 -17.48 8.23
CA SER A 246 -7.09 -18.82 8.02
C SER A 246 -7.51 -19.36 6.63
N GLN A 247 -8.73 -19.02 6.19
CA GLN A 247 -9.34 -19.41 4.93
C GLN A 247 -8.69 -18.72 3.74
N ARG A 248 -8.10 -17.53 3.96
CA ARG A 248 -7.44 -16.80 2.87
C ARG A 248 -6.24 -17.57 2.35
N PRO A 249 -6.07 -17.67 1.01
CA PRO A 249 -4.96 -18.47 0.47
C PRO A 249 -3.58 -17.87 0.72
N MET A 250 -2.55 -18.73 0.62
CA MET A 250 -1.16 -18.33 0.70
C MET A 250 -0.88 -17.52 -0.57
N LEU A 251 0.18 -16.69 -0.58
CA LEU A 251 0.55 -15.87 -1.74
C LEU A 251 0.99 -16.72 -2.93
N ARG A 252 1.60 -17.89 -2.62
CA ARG A 252 2.05 -18.87 -3.59
C ARG A 252 0.85 -19.29 -4.44
N GLU A 253 -0.30 -19.57 -3.82
CA GLU A 253 -1.54 -19.95 -4.50
C GLU A 253 -2.10 -18.81 -5.36
N VAL A 254 -1.91 -17.55 -4.91
CA VAL A 254 -2.37 -16.37 -5.66
C VAL A 254 -1.57 -16.29 -6.98
N LEU A 255 -0.25 -16.46 -6.89
CA LEU A 255 0.65 -16.40 -8.05
C LEU A 255 0.42 -17.53 -9.06
N GLU A 256 -0.01 -18.71 -8.57
CA GLU A 256 -0.28 -19.88 -9.39
C GLU A 256 -1.76 -20.01 -9.77
N HIS A 257 -2.58 -19.03 -9.36
CA HIS A 257 -4.01 -19.07 -9.71
C HIS A 257 -4.14 -19.07 -11.24
N PRO A 258 -5.00 -19.94 -11.82
CA PRO A 258 -5.12 -20.02 -13.29
C PRO A 258 -5.38 -18.70 -14.00
N TRP A 259 -6.24 -17.83 -13.40
CA TRP A 259 -6.58 -16.50 -13.91
C TRP A 259 -5.35 -15.55 -13.93
N ILE A 260 -4.51 -15.64 -12.91
CA ILE A 260 -3.28 -14.85 -12.78
C ILE A 260 -2.29 -15.31 -13.87
N THR A 261 -1.99 -16.62 -13.94
CA THR A 261 -1.08 -17.22 -14.91
C THR A 261 -1.55 -16.97 -16.35
N ALA A 262 -2.87 -17.00 -16.60
CA ALA A 262 -3.44 -16.77 -17.94
C ALA A 262 -3.43 -15.32 -18.41
N ASN A 263 -3.60 -14.33 -17.50
CA ASN A 263 -3.65 -12.91 -17.90
C ASN A 263 -2.41 -12.09 -17.53
N SER A 264 -1.54 -12.63 -16.68
CA SER A 264 -0.29 -11.98 -16.28
C SER A 264 0.85 -12.67 -17.08
N SER A 265 1.85 -11.93 -17.57
CA SER A 265 2.00 -10.49 -17.39
C SER A 265 1.95 -9.74 -18.73
C10 T2F B . 10.84 10.49 15.00
C11 T2F B . 10.29 13.29 16.32
C12 T2F B . 8.95 13.07 15.85
C13 T2F B . 8.16 13.96 16.48
O1 T2F B . 14.24 15.63 18.43
C15 T2F B . 13.82 14.48 18.43
O T2F B . 14.47 13.47 18.98
C2 T2F B . 12.53 14.11 17.76
C3 T2F B . 12.62 13.04 16.85
C4 T2F B . 11.51 12.63 16.11
C14 T2F B . 10.22 14.33 17.25
N T2F B . 8.91 14.74 17.32
C1 T2F B . 11.32 14.79 17.99
C T2F B . 11.20 15.95 18.95
C5 T2F B . 11.71 11.58 15.08
C9 T2F B . 11.03 9.49 14.06
C8 T2F B . 12.10 9.57 13.20
CL T2F B . 12.33 8.33 12.00
C7 T2F B . 12.99 10.63 13.25
C6 T2F B . 12.78 11.63 14.18
PB ADP C . 1.14 9.25 3.76
O1B ADP C . -0.15 8.67 3.11
O2B ADP C . 0.90 10.64 4.32
O3B ADP C . 1.69 8.29 4.78
PA ADP C . 2.73 8.70 1.36
O1A ADP C . 1.76 7.65 0.92
O2A ADP C . 4.09 8.15 1.67
O3A ADP C . 2.20 9.55 2.61
O5' ADP C . 2.76 9.85 0.22
C5' ADP C . 1.65 10.72 -0.09
C4' ADP C . 1.50 10.83 -1.60
O4' ADP C . 2.69 11.41 -2.18
C3' ADP C . 1.34 9.50 -2.32
O3' ADP C . 0.01 8.99 -2.23
C2' ADP C . 1.81 9.86 -3.74
O2' ADP C . 0.79 10.58 -4.41
C1' ADP C . 3.00 10.77 -3.41
N9 ADP C . 4.28 10.09 -3.29
C8 ADP C . 4.80 9.54 -2.14
N7 ADP C . 6.00 9.01 -2.30
C5 ADP C . 6.29 9.24 -3.63
C6 ADP C . 7.42 8.92 -4.42
N6 ADP C . 8.49 8.27 -3.96
N1 ADP C . 7.39 9.26 -5.74
C2 ADP C . 6.29 9.86 -6.22
N3 ADP C . 5.16 10.20 -5.57
C4 ADP C . 5.24 9.88 -4.26
MG MG D . -0.09 7.21 1.62
MG MG E . 0.84 6.46 5.17
C1 T5L F . 2.79 8.46 9.41
C2 T5L F . 1.85 7.26 9.18
C3 T5L F . 0.95 7.43 7.98
O1 T5L F . 2.85 10.12 7.78
O3 T5L F . -0.09 8.04 7.97
O2 T5L F . 1.45 6.81 6.95
C4 T5L F . 1.13 6.88 10.48
C5 T5L F . 2.13 6.56 11.59
C6 T5L F . 3.14 7.71 11.79
C7 T5L F . 3.82 8.12 10.49
C T5L F . 3.39 8.99 8.13
O T5L F . 4.29 8.46 7.52
S SO4 G . -25.60 2.20 11.31
O1 SO4 G . -25.61 3.63 11.64
O2 SO4 G . -26.90 1.59 11.64
O3 SO4 G . -25.32 2.04 9.88
O4 SO4 G . -24.55 1.54 12.10
S SO4 H . -16.79 -15.68 4.55
O1 SO4 H . -17.96 -15.45 5.42
O2 SO4 H . -16.49 -14.46 3.81
O3 SO4 H . -17.09 -16.75 3.59
O4 SO4 H . -15.65 -16.07 5.36
S SO4 I . 6.82 -4.31 15.83
O1 SO4 I . 6.64 -4.14 14.40
O2 SO4 I . 5.58 -4.00 16.53
O3 SO4 I . 7.91 -3.41 16.29
O4 SO4 I . 7.21 -5.69 16.09
S SO4 J . 22.40 22.33 -12.77
O1 SO4 J . 23.07 23.54 -13.26
O2 SO4 J . 20.94 22.53 -12.84
O3 SO4 J . 22.77 21.17 -13.60
O4 SO4 J . 22.79 22.09 -11.39
S SO4 K . 10.25 11.13 20.70
O1 SO4 K . 9.84 12.34 19.99
O2 SO4 K . 9.20 10.75 21.64
O3 SO4 K . 10.50 10.05 19.73
O4 SO4 K . 11.49 11.41 21.42
S SO4 L . 18.50 10.65 15.46
O1 SO4 L . 18.13 11.32 16.71
O2 SO4 L . 17.32 10.16 14.79
O3 SO4 L . 19.40 9.52 15.75
O4 SO4 L . 19.15 11.60 14.55
S DMS M . 4.15 -17.52 0.72
O DMS M . 2.69 -17.43 0.78
C1 DMS M . 4.58 -17.32 -0.99
C2 DMS M . 4.72 -15.96 1.34
S DMS N . 10.12 21.78 2.51
O DMS N . 9.49 22.64 1.49
C1 DMS N . 11.36 22.79 3.26
C2 DMS N . 8.94 21.77 3.84
C ACT O . -13.54 -15.41 12.29
O ACT O . -14.70 -15.59 11.84
OXT ACT O . -12.50 -15.94 11.83
CH3 ACT O . -13.38 -14.46 13.50
#